data_278D
# 
_entry.id   278D 
# 
_audit_conform.dict_name       mmcif_pdbx.dic 
_audit_conform.dict_version    5.387 
_audit_conform.dict_location   http://mmcif.pdb.org/dictionaries/ascii/mmcif_pdbx.dic 
# 
loop_
_database_2.database_id 
_database_2.database_code 
_database_2.pdbx_database_accession 
_database_2.pdbx_DOI 
PDB   278D         pdb_0000278d 10.2210/pdb278d/pdb 
RCSB  DDF068       ?            ?                   
WWPDB D_1000177690 ?            ?                   
# 
loop_
_pdbx_audit_revision_history.ordinal 
_pdbx_audit_revision_history.data_content_type 
_pdbx_audit_revision_history.major_revision 
_pdbx_audit_revision_history.minor_revision 
_pdbx_audit_revision_history.revision_date 
1 'Structure model' 1 0 1996-09-16 
2 'Structure model' 1 1 2008-05-22 
3 'Structure model' 1 2 2011-07-13 
4 'Structure model' 1 3 2024-02-14 
# 
_pdbx_audit_revision_details.ordinal             1 
_pdbx_audit_revision_details.revision_ordinal    1 
_pdbx_audit_revision_details.data_content_type   'Structure model' 
_pdbx_audit_revision_details.provider            repository 
_pdbx_audit_revision_details.type                'Initial release' 
_pdbx_audit_revision_details.description         ? 
_pdbx_audit_revision_details.details             ? 
# 
loop_
_pdbx_audit_revision_group.ordinal 
_pdbx_audit_revision_group.revision_ordinal 
_pdbx_audit_revision_group.data_content_type 
_pdbx_audit_revision_group.group 
1 2 'Structure model' 'Version format compliance' 
2 3 'Structure model' 'Version format compliance' 
3 4 'Structure model' 'Data collection'           
4 4 'Structure model' 'Database references'       
5 4 'Structure model' 'Derived calculations'      
# 
loop_
_pdbx_audit_revision_category.ordinal 
_pdbx_audit_revision_category.revision_ordinal 
_pdbx_audit_revision_category.data_content_type 
_pdbx_audit_revision_category.category 
1 4 'Structure model' chem_comp_atom 
2 4 'Structure model' chem_comp_bond 
3 4 'Structure model' database_2     
4 4 'Structure model' struct_conn    
5 4 'Structure model' struct_site    
# 
loop_
_pdbx_audit_revision_item.ordinal 
_pdbx_audit_revision_item.revision_ordinal 
_pdbx_audit_revision_item.data_content_type 
_pdbx_audit_revision_item.item 
1 4 'Structure model' '_database_2.pdbx_DOI'                
2 4 'Structure model' '_database_2.pdbx_database_accession' 
3 4 'Structure model' '_struct_conn.pdbx_leaving_atom_flag' 
4 4 'Structure model' '_struct_site.pdbx_auth_asym_id'      
5 4 'Structure model' '_struct_site.pdbx_auth_comp_id'      
6 4 'Structure model' '_struct_site.pdbx_auth_seq_id'       
# 
_pdbx_database_status.status_code                     REL 
_pdbx_database_status.entry_id                        278D 
_pdbx_database_status.recvd_initial_deposition_date   1996-07-22 
_pdbx_database_status.deposit_site                    NDB 
_pdbx_database_status.process_site                    NDB 
_pdbx_database_status.SG_entry                        . 
_pdbx_database_status.pdb_format_compatible           Y 
_pdbx_database_status.status_code_mr                  ? 
_pdbx_database_status.status_code_sf                  ? 
_pdbx_database_status.status_code_cs                  ? 
_pdbx_database_status.status_code_nmr_data            ? 
_pdbx_database_status.methods_development_category    ? 
# 
loop_
_audit_author.name 
_audit_author.pdbx_ordinal 
'Gao, Y.-G.'    1 
'Priebe, W.'    2 
'Wang, A.H.-J.' 3 
# 
_citation.id                        primary 
_citation.title                     
;Substitutions at C2' of daunosamine in the anticancer drug daunorubicin alter its DNA-binding sequence specificity.
;
_citation.journal_abbrev            Eur.J.Biochem. 
_citation.journal_volume            240 
_citation.page_first                331 
_citation.page_last                 335 
_citation.year                      1996 
_citation.journal_id_ASTM           EJBCAI 
_citation.country                   IX 
_citation.journal_id_ISSN           0014-2956 
_citation.journal_id_CSD            0262 
_citation.book_publisher            ? 
_citation.pdbx_database_id_PubMed   8841395 
_citation.pdbx_database_id_DOI      10.1111/j.1432-1033.1996.0331h.x 
# 
loop_
_citation_author.citation_id 
_citation_author.name 
_citation_author.ordinal 
_citation_author.identifier_ORCID 
primary 'Gao, Y.G.'  1 ? 
primary 'Priebe, W.' 2 ? 
primary 'Wang, A.H.' 3 ? 
# 
loop_
_entity.id 
_entity.type 
_entity.src_method 
_entity.pdbx_description 
_entity.formula_weight 
_entity.pdbx_number_of_molecules 
_entity.pdbx_ec 
_entity.pdbx_mutation 
_entity.pdbx_fragment 
_entity.details 
1 polymer     man 
;DNA (5'-D(*CP*GP*(G49)P*CP*CP*G)-3'
;
1824.232 1  ? ? ? ? 
2 non-polymer syn "2'-BROMO-4'-EPIDAUNORUBICIN"         606.416  1  ? ? ? ? 
3 water       nat water                                 18.015   43 ? ? ? ? 
# 
_entity_poly.entity_id                      1 
_entity_poly.type                           polydeoxyribonucleotide 
_entity_poly.nstd_linkage                   no 
_entity_poly.nstd_monomer                   yes 
_entity_poly.pdbx_seq_one_letter_code       '(DC)(DG)(G49)(DC)(DC)(DG)' 
_entity_poly.pdbx_seq_one_letter_code_can   CGGCCG 
_entity_poly.pdbx_strand_id                 A 
_entity_poly.pdbx_target_identifier         ? 
# 
loop_
_pdbx_entity_nonpoly.entity_id 
_pdbx_entity_nonpoly.name 
_pdbx_entity_nonpoly.comp_id 
2 "2'-BROMO-4'-EPIDAUNORUBICIN" DM8 
3 water                         HOH 
# 
loop_
_entity_poly_seq.entity_id 
_entity_poly_seq.num 
_entity_poly_seq.mon_id 
_entity_poly_seq.hetero 
1 1 DC  n 
1 2 DG  n 
1 3 G49 n 
1 4 DC  n 
1 5 DC  n 
1 6 DG  n 
# 
loop_
_chem_comp.id 
_chem_comp.type 
_chem_comp.mon_nstd_flag 
_chem_comp.name 
_chem_comp.pdbx_synonyms 
_chem_comp.formula 
_chem_comp.formula_weight 
DC  'DNA linking' y "2'-DEOXYCYTIDINE-5'-MONOPHOSPHATE"             ?                                                       
'C9 H14 N3 O7 P'   307.197 
DG  'DNA linking' y "2'-DEOXYGUANOSINE-5'-MONOPHOSPHATE"            ?                                                       
'C10 H14 N5 O7 P'  347.221 
DM8 non-polymer   . "2'-BROMO-4'-EPIDAUNORUBICIN"                   'WP401; DAUNOMYCIN DERIVATIVE; DAUNORUBICIN DERIVATIVE' 
'C27 H28 Br N O10' 606.416 
G49 'DNA linking' n "N2-METHYL-2'-DEOXY-GUANOSINE-5'-MONOPHOSPHATE" ?                                                       
'C11 H16 N5 O7 P'  361.248 
HOH non-polymer   . WATER                                           ?                                                       'H2 O' 
18.015  
# 
loop_
_pdbx_poly_seq_scheme.asym_id 
_pdbx_poly_seq_scheme.entity_id 
_pdbx_poly_seq_scheme.seq_id 
_pdbx_poly_seq_scheme.mon_id 
_pdbx_poly_seq_scheme.ndb_seq_num 
_pdbx_poly_seq_scheme.pdb_seq_num 
_pdbx_poly_seq_scheme.auth_seq_num 
_pdbx_poly_seq_scheme.pdb_mon_id 
_pdbx_poly_seq_scheme.auth_mon_id 
_pdbx_poly_seq_scheme.pdb_strand_id 
_pdbx_poly_seq_scheme.pdb_ins_code 
_pdbx_poly_seq_scheme.hetero 
A 1 1 DC  1 1 1 DC  C  A . n 
A 1 2 DG  2 2 2 DG  G  A . n 
A 1 3 G49 3 3 3 G49 +G A . n 
A 1 4 DC  4 4 4 DC  C  A . n 
A 1 5 DC  5 5 5 DC  C  A . n 
A 1 6 DG  6 6 6 DG  G  A . n 
# 
loop_
_pdbx_nonpoly_scheme.asym_id 
_pdbx_nonpoly_scheme.entity_id 
_pdbx_nonpoly_scheme.mon_id 
_pdbx_nonpoly_scheme.ndb_seq_num 
_pdbx_nonpoly_scheme.pdb_seq_num 
_pdbx_nonpoly_scheme.auth_seq_num 
_pdbx_nonpoly_scheme.pdb_mon_id 
_pdbx_nonpoly_scheme.auth_mon_id 
_pdbx_nonpoly_scheme.pdb_strand_id 
_pdbx_nonpoly_scheme.pdb_ins_code 
B 2 DM8 1  7  7  DM8 DM8 A . 
C 3 HOH 1  8  8  HOH HOH A . 
C 3 HOH 2  9  9  HOH HOH A . 
C 3 HOH 3  10 10 HOH HOH A . 
C 3 HOH 4  11 11 HOH HOH A . 
C 3 HOH 5  12 12 HOH HOH A . 
C 3 HOH 6  13 13 HOH HOH A . 
C 3 HOH 7  14 14 HOH HOH A . 
C 3 HOH 8  15 15 HOH HOH A . 
C 3 HOH 9  16 16 HOH HOH A . 
C 3 HOH 10 17 17 HOH HOH A . 
C 3 HOH 11 18 18 HOH HOH A . 
C 3 HOH 12 19 19 HOH HOH A . 
C 3 HOH 13 20 20 HOH HOH A . 
C 3 HOH 14 21 21 HOH HOH A . 
C 3 HOH 15 22 22 HOH HOH A . 
C 3 HOH 16 23 23 HOH HOH A . 
C 3 HOH 17 24 24 HOH HOH A . 
C 3 HOH 18 25 25 HOH HOH A . 
C 3 HOH 19 26 26 HOH HOH A . 
C 3 HOH 20 27 27 HOH HOH A . 
C 3 HOH 21 28 28 HOH HOH A . 
C 3 HOH 22 29 29 HOH HOH A . 
C 3 HOH 23 30 30 HOH HOH A . 
C 3 HOH 24 31 31 HOH HOH A . 
C 3 HOH 25 32 32 HOH HOH A . 
C 3 HOH 26 33 33 HOH HOH A . 
C 3 HOH 27 34 34 HOH HOH A . 
C 3 HOH 28 35 35 HOH HOH A . 
C 3 HOH 29 36 36 HOH HOH A . 
C 3 HOH 30 37 37 HOH HOH A . 
C 3 HOH 31 38 38 HOH HOH A . 
C 3 HOH 32 39 39 HOH HOH A . 
C 3 HOH 33 40 40 HOH HOH A . 
C 3 HOH 34 41 41 HOH HOH A . 
C 3 HOH 35 42 42 HOH HOH A . 
C 3 HOH 36 43 43 HOH HOH A . 
C 3 HOH 37 44 44 HOH HOH A . 
C 3 HOH 38 45 45 HOH HOH A . 
C 3 HOH 39 46 46 HOH HOH A . 
C 3 HOH 40 47 47 HOH HOH A . 
C 3 HOH 41 48 48 HOH HOH A . 
C 3 HOH 42 49 49 HOH HOH A . 
C 3 HOH 43 50 50 HOH HOH A . 
# 
loop_
_software.name 
_software.classification 
_software.version 
_software.citation_id 
_software.pdbx_ordinal 
MSC    'data collection' . ? 1 
NUCLSQ refinement        . ? 2 
MSC    'data reduction'  . ? 3 
# 
_cell.entry_id           278D 
_cell.length_a           28.250 
_cell.length_b           28.250 
_cell.length_c           53.670 
_cell.angle_alpha        90.00 
_cell.angle_beta         90.00 
_cell.angle_gamma        90.00 
_cell.Z_PDB              8 
_cell.pdbx_unique_axis   ? 
# 
_symmetry.entry_id                         278D 
_symmetry.space_group_name_H-M             'P 41 21 2' 
_symmetry.pdbx_full_space_group_name_H-M   ? 
_symmetry.cell_setting                     ? 
_symmetry.Int_Tables_number                92 
# 
_exptl.entry_id          278D 
_exptl.method            'X-RAY DIFFRACTION' 
_exptl.crystals_number   ? 
# 
_exptl_crystal.id                    1 
_exptl_crystal.density_meas          ? 
_exptl_crystal.density_percent_sol   56.25 
_exptl_crystal.density_Matthews      2.81 
_exptl_crystal.description           ? 
# 
_exptl_crystal_grow.crystal_id      1 
_exptl_crystal_grow.method          'VAPOR DIFFUSION' 
_exptl_crystal_grow.temp            298.00 
_exptl_crystal_grow.temp_details    'ROOM TEMPERATURE' 
_exptl_crystal_grow.pH              6.00 
_exptl_crystal_grow.pdbx_details    'pH 6.00, VAPOR DIFFUSION, temperature 298.00K' 
_exptl_crystal_grow.pdbx_pH_range   . 
# 
loop_
_exptl_crystal_grow_comp.crystal_id 
_exptl_crystal_grow_comp.id 
_exptl_crystal_grow_comp.sol_id 
_exptl_crystal_grow_comp.name 
_exptl_crystal_grow_comp.volume 
_exptl_crystal_grow_comp.conc 
_exptl_crystal_grow_comp.details 
1 1 1 WATER           ? ? ? 
1 2 1 MPD             ? ? ? 
1 3 1 BACL2           ? ? ? 
1 4 1 'NA CACODYLATE' ? ? ? 
1 5 1 SPERMINE        ? ? ? 
1 6 2 WATER           ? ? ? 
1 7 2 MPD             ? ? ? 
# 
_diffrn.id                     1 
_diffrn.ambient_temp           293.00 
_diffrn.ambient_temp_details   ? 
_diffrn.crystal_id             1 
# 
_diffrn_detector.diffrn_id              1 
_diffrn_detector.detector               'IMAGE PLATE' 
_diffrn_detector.type                   'RIGAKU RAXIS IIC' 
_diffrn_detector.pdbx_collection_date   1995-08-06 
_diffrn_detector.details                ? 
# 
_diffrn_radiation.diffrn_id                        1 
_diffrn_radiation.wavelength_id                    1 
_diffrn_radiation.pdbx_monochromatic_or_laue_m_l   M 
_diffrn_radiation.monochromator                    ? 
_diffrn_radiation.pdbx_diffrn_protocol             'SINGLE WAVELENGTH' 
_diffrn_radiation.pdbx_scattering_type             x-ray 
# 
_diffrn_radiation_wavelength.id           1 
_diffrn_radiation_wavelength.wavelength   . 
_diffrn_radiation_wavelength.wt           1.0 
# 
_diffrn_source.diffrn_id                   1 
_diffrn_source.source                      'ROTATING ANODE' 
_diffrn_source.type                        'RIGAKU RU200' 
_diffrn_source.pdbx_synchrotron_site       ? 
_diffrn_source.pdbx_synchrotron_beamline   ? 
_diffrn_source.pdbx_wavelength             ? 
_diffrn_source.pdbx_wavelength_list        ? 
# 
_reflns.entry_id                     278D 
_reflns.observed_criterion_sigma_I   ? 
_reflns.observed_criterion_sigma_F   ? 
_reflns.d_resolution_low             ? 
_reflns.d_resolution_high            ? 
_reflns.number_obs                   ? 
_reflns.number_all                   ? 
_reflns.percent_possible_obs         ? 
_reflns.pdbx_Rmerge_I_obs            0.06 
_reflns.pdbx_Rsym_value              ? 
_reflns.pdbx_netI_over_sigmaI        ? 
_reflns.B_iso_Wilson_estimate        ? 
_reflns.pdbx_redundancy              4.000 
_reflns.R_free_details               ? 
_reflns.pdbx_diffrn_id               1 
_reflns.pdbx_ordinal                 1 
# 
_refine.entry_id                                 278D 
_refine.ls_number_reflns_obs                     1860 
_refine.ls_number_reflns_all                     ? 
_refine.pdbx_ls_sigma_I                          ? 
_refine.pdbx_ls_sigma_F                          4.000 
_refine.pdbx_data_cutoff_high_absF               ? 
_refine.pdbx_data_cutoff_low_absF                ? 
_refine.pdbx_data_cutoff_high_rms_absF           ? 
_refine.ls_d_res_low                             10.000 
_refine.ls_d_res_high                            1.800 
_refine.ls_percent_reflns_obs                    ? 
_refine.ls_R_factor_obs                          0.183 
_refine.ls_R_factor_all                          ? 
_refine.ls_R_factor_R_work                       ? 
_refine.ls_R_factor_R_free                       ? 
_refine.ls_R_factor_R_free_error                 ? 
_refine.ls_R_factor_R_free_error_details         ? 
_refine.ls_percent_reflns_R_free                 ? 
_refine.ls_number_reflns_R_free                  ? 
_refine.ls_number_parameters                     ? 
_refine.ls_number_restraints                     ? 
_refine.occupancy_min                            ? 
_refine.occupancy_max                            ? 
_refine.B_iso_mean                               ? 
_refine.aniso_B[1][1]                            ? 
_refine.aniso_B[2][2]                            ? 
_refine.aniso_B[3][3]                            ? 
_refine.aniso_B[1][2]                            ? 
_refine.aniso_B[1][3]                            ? 
_refine.aniso_B[2][3]                            ? 
_refine.solvent_model_details                    ? 
_refine.solvent_model_param_ksol                 ? 
_refine.solvent_model_param_bsol                 ? 
_refine.pdbx_ls_cross_valid_method               ? 
_refine.details                                  ? 
_refine.pdbx_starting_model                      ? 
_refine.pdbx_method_to_determine_struct          ? 
_refine.pdbx_isotropic_thermal_model             ? 
_refine.pdbx_stereochemistry_target_values       ? 
_refine.pdbx_stereochem_target_val_spec_case     ? 
_refine.pdbx_R_Free_selection_details            ? 
_refine.pdbx_overall_ESU_R                       ? 
_refine.pdbx_overall_ESU_R_Free                  ? 
_refine.overall_SU_ML                            ? 
_refine.overall_SU_B                             ? 
_refine.ls_redundancy_reflns_obs                 ? 
_refine.correlation_coeff_Fo_to_Fc               ? 
_refine.correlation_coeff_Fo_to_Fc_free          ? 
_refine.pdbx_solvent_vdw_probe_radii             ? 
_refine.pdbx_solvent_ion_probe_radii             ? 
_refine.pdbx_solvent_shrinkage_radii             ? 
_refine.overall_SU_R_Cruickshank_DPI             ? 
_refine.overall_SU_R_free                        ? 
_refine.pdbx_refine_id                           'X-RAY DIFFRACTION' 
_refine.pdbx_diffrn_id                           1 
_refine.pdbx_TLS_residual_ADP_flag               ? 
_refine.pdbx_overall_phase_error                 ? 
_refine.pdbx_overall_SU_R_free_Cruickshank_DPI   ? 
_refine.pdbx_overall_SU_R_Blow_DPI               ? 
_refine.pdbx_overall_SU_R_free_Blow_DPI          ? 
# 
_refine_hist.pdbx_refine_id                   'X-RAY DIFFRACTION' 
_refine_hist.cycle_id                         LAST 
_refine_hist.pdbx_number_atoms_protein        0 
_refine_hist.pdbx_number_atoms_nucleic_acid   120 
_refine_hist.pdbx_number_atoms_ligand         40 
_refine_hist.number_atoms_solvent             43 
_refine_hist.number_atoms_total               203 
_refine_hist.d_res_high                       1.800 
_refine_hist.d_res_low                        10.000 
# 
loop_
_refine_ls_restr.type 
_refine_ls_restr.dev_ideal 
_refine_ls_restr.dev_ideal_target 
_refine_ls_restr.weight 
_refine_ls_restr.number 
_refine_ls_restr.pdbx_refine_id 
_refine_ls_restr.pdbx_restraint_function 
n_bond_d               0.019 ? ? ? 'X-RAY DIFFRACTION' ? 
n_angle_d              ?     ? ? ? 'X-RAY DIFFRACTION' ? 
n_planar_d             ?     ? ? ? 'X-RAY DIFFRACTION' ? 
n_hb_or_metal_coord    ?     ? ? ? 'X-RAY DIFFRACTION' ? 
n_sugar_bond_it        ?     ? ? ? 'X-RAY DIFFRACTION' ? 
n_sugar_angle_it       ?     ? ? ? 'X-RAY DIFFRACTION' ? 
n_phos_bond_it         ?     ? ? ? 'X-RAY DIFFRACTION' ? 
n_phos_angle_it        ?     ? ? ? 'X-RAY DIFFRACTION' ? 
n_bond_angle_restr     ?     ? ? ? 'X-RAY DIFFRACTION' ? 
n_dihedral_angle_restr ?     ? ? ? 'X-RAY DIFFRACTION' ? 
n_impr_tor             ?     ? ? ? 'X-RAY DIFFRACTION' ? 
n_sugar_bond_d         ?     ? ? ? 'X-RAY DIFFRACTION' ? 
n_sugar_bond_angle_d   ?     ? ? ? 'X-RAY DIFFRACTION' ? 
n_phos_bond_d          ?     ? ? ? 'X-RAY DIFFRACTION' ? 
n_phos_bond_angle_d    ?     ? ? ? 'X-RAY DIFFRACTION' ? 
n_plane_restr          ?     ? ? ? 'X-RAY DIFFRACTION' ? 
n_chiral_restr         ?     ? ? ? 'X-RAY DIFFRACTION' ? 
n_singtor_nbd          ?     ? ? ? 'X-RAY DIFFRACTION' ? 
n_multtor_nbd          ?     ? ? ? 'X-RAY DIFFRACTION' ? 
n_xhyhbond_nbd         ?     ? ? ? 'X-RAY DIFFRACTION' ? 
# 
_struct.entry_id                  278D 
_struct.title                     
;SUBSTITUTIONS AT C2' OF DAUNOSAMINE IN THE ANTICANCER DAUNORUBICIN ALTER ITS DNA-BINDING SEQUENCE SPECIFICITY
;
_struct.pdbx_model_details        ? 
_struct.pdbx_CASP_flag            ? 
_struct.pdbx_model_type_details   ? 
# 
_struct_keywords.entry_id        278D 
_struct_keywords.pdbx_keywords   DNA 
_struct_keywords.text            'RIGHT HANDED DNA, DOUBLE HELIX, COMPLEXED WITH DRUG, MODIFIED, DNA' 
# 
loop_
_struct_asym.id 
_struct_asym.pdbx_blank_PDB_chainid_flag 
_struct_asym.pdbx_modified 
_struct_asym.entity_id 
_struct_asym.details 
A N N 1 ? 
B N N 2 ? 
C N N 3 ? 
# 
_struct_ref.id                         1 
_struct_ref.entity_id                  1 
_struct_ref.db_name                    PDB 
_struct_ref.db_code                    278D 
_struct_ref.pdbx_db_accession          278D 
_struct_ref.pdbx_db_isoform            ? 
_struct_ref.pdbx_seq_one_letter_code   ? 
_struct_ref.pdbx_align_begin           ? 
# 
_struct_ref_seq.align_id                      1 
_struct_ref_seq.ref_id                        1 
_struct_ref_seq.pdbx_PDB_id_code              278D 
_struct_ref_seq.pdbx_strand_id                A 
_struct_ref_seq.seq_align_beg                 1 
_struct_ref_seq.pdbx_seq_align_beg_ins_code   ? 
_struct_ref_seq.seq_align_end                 6 
_struct_ref_seq.pdbx_seq_align_end_ins_code   ? 
_struct_ref_seq.pdbx_db_accession             278D 
_struct_ref_seq.db_align_beg                  1 
_struct_ref_seq.pdbx_db_align_beg_ins_code    ? 
_struct_ref_seq.db_align_end                  6 
_struct_ref_seq.pdbx_db_align_end_ins_code    ? 
_struct_ref_seq.pdbx_auth_seq_align_beg       1 
_struct_ref_seq.pdbx_auth_seq_align_end       6 
# 
_pdbx_struct_assembly.id                   1 
_pdbx_struct_assembly.details              author_defined_assembly 
_pdbx_struct_assembly.method_details       ? 
_pdbx_struct_assembly.oligomeric_details   dimeric 
_pdbx_struct_assembly.oligomeric_count     2 
# 
_pdbx_struct_assembly_gen.assembly_id       1 
_pdbx_struct_assembly_gen.oper_expression   1,2 
_pdbx_struct_assembly_gen.asym_id_list      A,B,C 
# 
loop_
_pdbx_struct_oper_list.id 
_pdbx_struct_oper_list.type 
_pdbx_struct_oper_list.name 
_pdbx_struct_oper_list.symmetry_operation 
_pdbx_struct_oper_list.matrix[1][1] 
_pdbx_struct_oper_list.matrix[1][2] 
_pdbx_struct_oper_list.matrix[1][3] 
_pdbx_struct_oper_list.vector[1] 
_pdbx_struct_oper_list.matrix[2][1] 
_pdbx_struct_oper_list.matrix[2][2] 
_pdbx_struct_oper_list.matrix[2][3] 
_pdbx_struct_oper_list.vector[2] 
_pdbx_struct_oper_list.matrix[3][1] 
_pdbx_struct_oper_list.matrix[3][2] 
_pdbx_struct_oper_list.matrix[3][3] 
_pdbx_struct_oper_list.vector[3] 
1 'identity operation'         1_555 x,y,z            1.0000000000 0.0000000000 0.0000000000 0.0000000000 0.0000000000 1.0000000000  0.0000000000 0.0000000000 0.0000000000 0.0000000000 1.0000000000  0.0000000000  
2 'crystal symmetry operation' 8_665 -y+1,-x+1,-z+1/2 0.5810001704 0.7862745242 0.2102645350 0.3227248806 0.7862745242 -0.6089642247 0.1045702906 0.9435551826 0.2102645350 0.1045702906 -0.9720359457 -5.9549818687 
# 
_struct_biol.id                    1 
_struct_biol.pdbx_parent_biol_id   ? 
_struct_biol.details               ? 
# 
loop_
_struct_conn.id 
_struct_conn.conn_type_id 
_struct_conn.pdbx_leaving_atom_flag 
_struct_conn.pdbx_PDB_id 
_struct_conn.ptnr1_label_asym_id 
_struct_conn.ptnr1_label_comp_id 
_struct_conn.ptnr1_label_seq_id 
_struct_conn.ptnr1_label_atom_id 
_struct_conn.pdbx_ptnr1_label_alt_id 
_struct_conn.pdbx_ptnr1_PDB_ins_code 
_struct_conn.pdbx_ptnr1_standard_comp_id 
_struct_conn.ptnr1_symmetry 
_struct_conn.ptnr2_label_asym_id 
_struct_conn.ptnr2_label_comp_id 
_struct_conn.ptnr2_label_seq_id 
_struct_conn.ptnr2_label_atom_id 
_struct_conn.pdbx_ptnr2_label_alt_id 
_struct_conn.pdbx_ptnr2_PDB_ins_code 
_struct_conn.ptnr1_auth_asym_id 
_struct_conn.ptnr1_auth_comp_id 
_struct_conn.ptnr1_auth_seq_id 
_struct_conn.ptnr2_auth_asym_id 
_struct_conn.ptnr2_auth_comp_id 
_struct_conn.ptnr2_auth_seq_id 
_struct_conn.ptnr2_symmetry 
_struct_conn.pdbx_ptnr3_label_atom_id 
_struct_conn.pdbx_ptnr3_label_seq_id 
_struct_conn.pdbx_ptnr3_label_comp_id 
_struct_conn.pdbx_ptnr3_label_asym_id 
_struct_conn.pdbx_ptnr3_label_alt_id 
_struct_conn.pdbx_ptnr3_PDB_ins_code 
_struct_conn.details 
_struct_conn.pdbx_dist_value 
_struct_conn.pdbx_value_order 
_struct_conn.pdbx_role 
covale1  covale both ? A DG  2 "O3'" ? ? ? 1_555 A G49 3 P  ? ? A DG  2 A G49 3 1_555 ? ? ? ? ? ? ?            1.595 ? ? 
covale2  covale one  ? A G49 3 "O3'" ? ? ? 1_555 A DC  4 P  ? ? A G49 3 A DC  4 1_555 ? ? ? ? ? ? ?            1.581 ? ? 
hydrog1  hydrog ?    ? A DC  1 N3    ? ? ? 1_555 A DG  6 N1 ? ? A DC  1 A DG  6 8_665 ? ? ? ? ? ? WATSON-CRICK ?     ? ? 
hydrog2  hydrog ?    ? A DC  1 N4    ? ? ? 1_555 A DG  6 O6 ? ? A DC  1 A DG  6 8_665 ? ? ? ? ? ? WATSON-CRICK ?     ? ? 
hydrog3  hydrog ?    ? A DC  1 O2    ? ? ? 1_555 A DG  6 N2 ? ? A DC  1 A DG  6 8_665 ? ? ? ? ? ? WATSON-CRICK ?     ? ? 
hydrog4  hydrog ?    ? A DG  2 N1    ? ? ? 1_555 A DC  5 N3 ? ? A DG  2 A DC  5 8_665 ? ? ? ? ? ? WATSON-CRICK ?     ? ? 
hydrog5  hydrog ?    ? A DG  2 N2    ? ? ? 1_555 A DC  5 O2 ? ? A DG  2 A DC  5 8_665 ? ? ? ? ? ? WATSON-CRICK ?     ? ? 
hydrog6  hydrog ?    ? A DG  2 O6    ? ? ? 1_555 A DC  5 N4 ? ? A DG  2 A DC  5 8_665 ? ? ? ? ? ? WATSON-CRICK ?     ? ? 
hydrog7  hydrog ?    ? A G49 3 N1    ? ? ? 1_555 A DC  4 N3 ? ? A G49 3 A DC  4 8_665 ? ? ? ? ? ? WATSON-CRICK ?     ? ? 
hydrog8  hydrog ?    ? A G49 3 N2    ? ? ? 1_555 A DC  4 O2 ? ? A G49 3 A DC  4 8_665 ? ? ? ? ? ? WATSON-CRICK ?     ? ? 
hydrog9  hydrog ?    ? A G49 3 O6    ? ? ? 1_555 A DC  4 N4 ? ? A G49 3 A DC  4 8_665 ? ? ? ? ? ? WATSON-CRICK ?     ? ? 
hydrog10 hydrog ?    ? A DC  4 N3    ? ? ? 1_555 A G49 3 N1 ? ? A DC  4 A G49 3 8_665 ? ? ? ? ? ? WATSON-CRICK ?     ? ? 
hydrog11 hydrog ?    ? A DC  4 N4    ? ? ? 1_555 A G49 3 O6 ? ? A DC  4 A G49 3 8_665 ? ? ? ? ? ? WATSON-CRICK ?     ? ? 
hydrog12 hydrog ?    ? A DC  4 O2    ? ? ? 1_555 A G49 3 N2 ? ? A DC  4 A G49 3 8_665 ? ? ? ? ? ? WATSON-CRICK ?     ? ? 
hydrog13 hydrog ?    ? A DC  5 N3    ? ? ? 1_555 A DG  2 N1 ? ? A DC  5 A DG  2 8_665 ? ? ? ? ? ? WATSON-CRICK ?     ? ? 
hydrog14 hydrog ?    ? A DC  5 N4    ? ? ? 1_555 A DG  2 O6 ? ? A DC  5 A DG  2 8_665 ? ? ? ? ? ? WATSON-CRICK ?     ? ? 
hydrog15 hydrog ?    ? A DC  5 O2    ? ? ? 1_555 A DG  2 N2 ? ? A DC  5 A DG  2 8_665 ? ? ? ? ? ? WATSON-CRICK ?     ? ? 
hydrog16 hydrog ?    ? A DG  6 N1    ? ? ? 1_555 A DC  1 N3 ? ? A DG  6 A DC  1 8_665 ? ? ? ? ? ? WATSON-CRICK ?     ? ? 
hydrog17 hydrog ?    ? A DG  6 N2    ? ? ? 1_555 A DC  1 O2 ? ? A DG  6 A DC  1 8_665 ? ? ? ? ? ? WATSON-CRICK ?     ? ? 
hydrog18 hydrog ?    ? A DG  6 O6    ? ? ? 1_555 A DC  1 N4 ? ? A DG  6 A DC  1 8_665 ? ? ? ? ? ? WATSON-CRICK ?     ? ? 
# 
loop_
_struct_conn_type.id 
_struct_conn_type.criteria 
_struct_conn_type.reference 
covale ? ? 
hydrog ? ? 
# 
loop_
_struct_site.id 
_struct_site.pdbx_evidence_code 
_struct_site.pdbx_auth_asym_id 
_struct_site.pdbx_auth_comp_id 
_struct_site.pdbx_auth_seq_id 
_struct_site.pdbx_auth_ins_code 
_struct_site.pdbx_num_residues 
_struct_site.details 
AC1                 Software A DM8 7 ? 8 'BINDING SITE FOR RESIDUE DM8 A 7' 
'DRUG BINDING SITE' ?        ? ?   ? ? ? ?                                  
# 
loop_
_struct_site_gen.id 
_struct_site_gen.site_id 
_struct_site_gen.pdbx_num_res 
_struct_site_gen.label_comp_id 
_struct_site_gen.label_asym_id 
_struct_site_gen.label_seq_id 
_struct_site_gen.pdbx_auth_ins_code 
_struct_site_gen.auth_comp_id 
_struct_site_gen.auth_asym_id 
_struct_site_gen.auth_seq_id 
_struct_site_gen.label_atom_id 
_struct_site_gen.label_alt_id 
_struct_site_gen.symmetry 
_struct_site_gen.details 
1 AC1 8 DC  A 1 ? DC  A 1  . ? 8_665 ? 
2 AC1 8 DG  A 2 ? DG  A 2  . ? 8_665 ? 
3 AC1 8 G49 A 3 ? G49 A 3  . ? 8_665 ? 
4 AC1 8 DC  A 5 ? DC  A 5  . ? 1_555 ? 
5 AC1 8 DG  A 6 ? DG  A 6  . ? 1_555 ? 
6 AC1 8 HOH C . ? HOH A 8  . ? 1_555 ? 
7 AC1 8 HOH C . ? HOH A 12 . ? 1_555 ? 
8 AC1 8 HOH C . ? HOH A 19 . ? 1_555 ? 
# 
_pdbx_validate_close_contact.id               1 
_pdbx_validate_close_contact.PDB_model_num    1 
_pdbx_validate_close_contact.auth_atom_id_1   O 
_pdbx_validate_close_contact.auth_asym_id_1   A 
_pdbx_validate_close_contact.auth_comp_id_1   HOH 
_pdbx_validate_close_contact.auth_seq_id_1    32 
_pdbx_validate_close_contact.PDB_ins_code_1   ? 
_pdbx_validate_close_contact.label_alt_id_1   ? 
_pdbx_validate_close_contact.auth_atom_id_2   O 
_pdbx_validate_close_contact.auth_asym_id_2   A 
_pdbx_validate_close_contact.auth_comp_id_2   HOH 
_pdbx_validate_close_contact.auth_seq_id_2    34 
_pdbx_validate_close_contact.PDB_ins_code_2   ? 
_pdbx_validate_close_contact.label_alt_id_2   ? 
_pdbx_validate_close_contact.dist             2.11 
# 
_pdbx_validate_symm_contact.id                1 
_pdbx_validate_symm_contact.PDB_model_num     1 
_pdbx_validate_symm_contact.auth_atom_id_1    CM2 
_pdbx_validate_symm_contact.auth_asym_id_1    A 
_pdbx_validate_symm_contact.auth_comp_id_1    G49 
_pdbx_validate_symm_contact.auth_seq_id_1     3 
_pdbx_validate_symm_contact.PDB_ins_code_1    ? 
_pdbx_validate_symm_contact.label_alt_id_1    ? 
_pdbx_validate_symm_contact.site_symmetry_1   1_555 
_pdbx_validate_symm_contact.auth_atom_id_2    "N3'" 
_pdbx_validate_symm_contact.auth_asym_id_2    A 
_pdbx_validate_symm_contact.auth_comp_id_2    DM8 
_pdbx_validate_symm_contact.auth_seq_id_2     7 
_pdbx_validate_symm_contact.PDB_ins_code_2    ? 
_pdbx_validate_symm_contact.label_alt_id_2    ? 
_pdbx_validate_symm_contact.site_symmetry_2   8_665 
_pdbx_validate_symm_contact.dist              1.89 
# 
loop_
_pdbx_validate_rmsd_angle.id 
_pdbx_validate_rmsd_angle.PDB_model_num 
_pdbx_validate_rmsd_angle.auth_atom_id_1 
_pdbx_validate_rmsd_angle.auth_asym_id_1 
_pdbx_validate_rmsd_angle.auth_comp_id_1 
_pdbx_validate_rmsd_angle.auth_seq_id_1 
_pdbx_validate_rmsd_angle.PDB_ins_code_1 
_pdbx_validate_rmsd_angle.label_alt_id_1 
_pdbx_validate_rmsd_angle.auth_atom_id_2 
_pdbx_validate_rmsd_angle.auth_asym_id_2 
_pdbx_validate_rmsd_angle.auth_comp_id_2 
_pdbx_validate_rmsd_angle.auth_seq_id_2 
_pdbx_validate_rmsd_angle.PDB_ins_code_2 
_pdbx_validate_rmsd_angle.label_alt_id_2 
_pdbx_validate_rmsd_angle.auth_atom_id_3 
_pdbx_validate_rmsd_angle.auth_asym_id_3 
_pdbx_validate_rmsd_angle.auth_comp_id_3 
_pdbx_validate_rmsd_angle.auth_seq_id_3 
_pdbx_validate_rmsd_angle.PDB_ins_code_3 
_pdbx_validate_rmsd_angle.label_alt_id_3 
_pdbx_validate_rmsd_angle.angle_value 
_pdbx_validate_rmsd_angle.angle_target_value 
_pdbx_validate_rmsd_angle.angle_deviation 
_pdbx_validate_rmsd_angle.angle_standard_deviation 
_pdbx_validate_rmsd_angle.linker_flag 
1  1 "O4'" A DC 1 ? ? "C1'" A DC 1 ? ? N1    A DC  1 ? ? 111.36 108.30 3.06  0.30 N 
2  1 C2    A DC 1 ? ? N3    A DC 1 ? ? C4    A DC  1 ? ? 124.59 119.90 4.69  0.50 N 
3  1 N3    A DC 1 ? ? C4    A DC 1 ? ? C5    A DC  1 ? ? 119.19 121.90 -2.71 0.40 N 
4  1 N3    A DC 1 ? ? C4    A DC 1 ? ? N4    A DC  1 ? ? 122.95 118.00 4.95  0.70 N 
5  1 "C3'" A DG 2 ? ? "C2'" A DG 2 ? ? "C1'" A DG  2 ? ? 97.10  102.40 -5.30 0.80 N 
6  1 "O4'" A DG 2 ? ? "C1'" A DG 2 ? ? N9    A DG  2 ? ? 114.03 108.30 5.73  0.30 N 
7  1 C5    A DG 2 ? ? C6    A DG 2 ? ? N1    A DG  2 ? ? 114.53 111.50 3.03  0.50 N 
8  1 C5    A DG 2 ? ? C6    A DG 2 ? ? O6    A DG  2 ? ? 124.15 128.60 -4.45 0.60 N 
9  1 "C3'" A DG 2 ? ? "O3'" A DG 2 ? ? P     A G49 3 ? ? 129.40 119.70 9.70  1.20 Y 
10 1 OP1   A DC 5 ? ? P     A DC 5 ? ? OP2   A DC  5 ? ? 133.01 119.60 13.41 1.50 N 
11 1 "O5'" A DC 5 ? ? "C5'" A DC 5 ? ? "C4'" A DC  5 ? ? 104.51 109.40 -4.89 0.80 N 
12 1 "O4'" A DC 5 ? ? "C1'" A DC 5 ? ? N1    A DC  5 ? ? 117.54 108.30 9.24  0.30 N 
13 1 "C3'" A DC 5 ? ? "O3'" A DC 5 ? ? P     A DG  6 ? ? 128.69 119.70 8.99  1.20 Y 
14 1 C5    A DG 6 ? ? C6    A DG 6 ? ? O6    A DG  6 ? ? 124.77 128.60 -3.83 0.60 N 
# 
_pdbx_struct_mod_residue.id               1 
_pdbx_struct_mod_residue.label_asym_id    A 
_pdbx_struct_mod_residue.label_comp_id    G49 
_pdbx_struct_mod_residue.label_seq_id     3 
_pdbx_struct_mod_residue.auth_asym_id     A 
_pdbx_struct_mod_residue.auth_comp_id     G49 
_pdbx_struct_mod_residue.auth_seq_id      3 
_pdbx_struct_mod_residue.PDB_ins_code     ? 
_pdbx_struct_mod_residue.parent_comp_id   DG 
_pdbx_struct_mod_residue.details          ? 
# 
_struct_site_keywords.site_id   'DRUG BINDING SITE' 
_struct_site_keywords.text      INTERCALATION 
# 
loop_
_chem_comp_atom.comp_id 
_chem_comp_atom.atom_id 
_chem_comp_atom.type_symbol 
_chem_comp_atom.pdbx_aromatic_flag 
_chem_comp_atom.pdbx_stereo_config 
_chem_comp_atom.pdbx_ordinal 
DC  OP3    O  N N 1   
DC  P      P  N N 2   
DC  OP1    O  N N 3   
DC  OP2    O  N N 4   
DC  "O5'"  O  N N 5   
DC  "C5'"  C  N N 6   
DC  "C4'"  C  N R 7   
DC  "O4'"  O  N N 8   
DC  "C3'"  C  N S 9   
DC  "O3'"  O  N N 10  
DC  "C2'"  C  N N 11  
DC  "C1'"  C  N R 12  
DC  N1     N  N N 13  
DC  C2     C  N N 14  
DC  O2     O  N N 15  
DC  N3     N  N N 16  
DC  C4     C  N N 17  
DC  N4     N  N N 18  
DC  C5     C  N N 19  
DC  C6     C  N N 20  
DC  HOP3   H  N N 21  
DC  HOP2   H  N N 22  
DC  "H5'"  H  N N 23  
DC  "H5''" H  N N 24  
DC  "H4'"  H  N N 25  
DC  "H3'"  H  N N 26  
DC  "HO3'" H  N N 27  
DC  "H2'"  H  N N 28  
DC  "H2''" H  N N 29  
DC  "H1'"  H  N N 30  
DC  H41    H  N N 31  
DC  H42    H  N N 32  
DC  H5     H  N N 33  
DC  H6     H  N N 34  
DG  OP3    O  N N 35  
DG  P      P  N N 36  
DG  OP1    O  N N 37  
DG  OP2    O  N N 38  
DG  "O5'"  O  N N 39  
DG  "C5'"  C  N N 40  
DG  "C4'"  C  N R 41  
DG  "O4'"  O  N N 42  
DG  "C3'"  C  N S 43  
DG  "O3'"  O  N N 44  
DG  "C2'"  C  N N 45  
DG  "C1'"  C  N R 46  
DG  N9     N  Y N 47  
DG  C8     C  Y N 48  
DG  N7     N  Y N 49  
DG  C5     C  Y N 50  
DG  C6     C  N N 51  
DG  O6     O  N N 52  
DG  N1     N  N N 53  
DG  C2     C  N N 54  
DG  N2     N  N N 55  
DG  N3     N  N N 56  
DG  C4     C  Y N 57  
DG  HOP3   H  N N 58  
DG  HOP2   H  N N 59  
DG  "H5'"  H  N N 60  
DG  "H5''" H  N N 61  
DG  "H4'"  H  N N 62  
DG  "H3'"  H  N N 63  
DG  "HO3'" H  N N 64  
DG  "H2'"  H  N N 65  
DG  "H2''" H  N N 66  
DG  "H1'"  H  N N 67  
DG  H8     H  N N 68  
DG  H1     H  N N 69  
DG  H21    H  N N 70  
DG  H22    H  N N 71  
DM8 C1     C  Y N 72  
DM8 C2     C  Y N 73  
DM8 C3     C  Y N 74  
DM8 C4     C  Y N 75  
DM8 C5     C  N N 76  
DM8 C6     C  Y N 77  
DM8 C7     C  N S 78  
DM8 C8     C  N N 79  
DM8 C9     C  N S 80  
DM8 C10    C  N N 81  
DM8 C11    C  Y N 82  
DM8 C12    C  N N 83  
DM8 C13    C  N N 84  
DM8 C14    C  N N 85  
DM8 C15    C  Y N 86  
DM8 C16    C  Y N 87  
DM8 C17    C  Y N 88  
DM8 C18    C  Y N 89  
DM8 C19    C  Y N 90  
DM8 C20    C  Y N 91  
DM8 C21    C  N N 92  
DM8 O4     O  N N 93  
DM8 O5     O  N N 94  
DM8 O6     O  N N 95  
DM8 O7     O  N N 96  
DM8 O9     O  N N 97  
DM8 O11    O  N N 98  
DM8 O12    O  N N 99  
DM8 O13    O  N N 100 
DM8 "C1'"  C  N R 101 
DM8 "C2'"  C  N R 102 
DM8 "C3'"  C  N R 103 
DM8 "C4'"  C  N R 104 
DM8 "C5'"  C  N S 105 
DM8 "C6'"  C  N N 106 
DM8 "O5'"  O  N N 107 
DM8 "O4'"  O  N N 108 
DM8 "N3'"  N  N N 109 
DM8 BR     BR N N 110 
DM8 H1     H  N N 111 
DM8 H2     H  N N 112 
DM8 H3     H  N N 113 
DM8 H7     H  N N 114 
DM8 H81    H  N N 115 
DM8 H82    H  N N 116 
DM8 H101   H  N N 117 
DM8 H102   H  N N 118 
DM8 H141   H  N N 119 
DM8 H142   H  N N 120 
DM8 H143   H  N N 121 
DM8 H211   H  N N 122 
DM8 H212   H  N N 123 
DM8 H213   H  N N 124 
DM8 H6     H  N N 125 
DM8 H9     H  N N 126 
DM8 H11    H  N N 127 
DM8 "H1'"  H  N N 128 
DM8 "H2'"  H  N N 129 
DM8 "H3'"  H  N N 130 
DM8 "H4'"  H  N N 131 
DM8 "H5'"  H  N N 132 
DM8 "H6'1" H  N N 133 
DM8 "H6'2" H  N N 134 
DM8 "H6'3" H  N N 135 
DM8 "HO4'" H  N N 136 
DM8 "HN'1" H  N N 137 
DM8 "HN'2" H  N N 138 
G49 P      P  N N 139 
G49 O1P    O  N N 140 
G49 O2P    O  N N 141 
G49 O3P    O  N N 142 
G49 "O5'"  O  N N 143 
G49 "C5'"  C  N N 144 
G49 "C4'"  C  N R 145 
G49 "O4'"  O  N N 146 
G49 "C3'"  C  N S 147 
G49 "O3'"  O  N N 148 
G49 "C2'"  C  N N 149 
G49 "C1'"  C  N R 150 
G49 N9     N  Y N 151 
G49 C8     C  Y N 152 
G49 N7     N  Y N 153 
G49 C5     C  Y N 154 
G49 C6     C  N N 155 
G49 O6     O  N N 156 
G49 N1     N  N N 157 
G49 C2     C  N N 158 
G49 N2     N  N N 159 
G49 CM2    C  N N 160 
G49 N3     N  N N 161 
G49 C4     C  Y N 162 
G49 H2P    H  N N 163 
G49 H3P    H  N N 164 
G49 "H5'1" H  N N 165 
G49 "H5'2" H  N N 166 
G49 "H4'"  H  N N 167 
G49 "H3'"  H  N N 168 
G49 HA     H  N N 169 
G49 "H2'1" H  N N 170 
G49 "H2'2" H  N N 171 
G49 "H1'"  H  N N 172 
G49 H8     H  N N 173 
G49 H1     H  N N 174 
G49 H2     H  N N 175 
G49 HM21   H  N N 176 
G49 HM22   H  N N 177 
G49 HM23   H  N N 178 
HOH O      O  N N 179 
HOH H1     H  N N 180 
HOH H2     H  N N 181 
# 
loop_
_chem_comp_bond.comp_id 
_chem_comp_bond.atom_id_1 
_chem_comp_bond.atom_id_2 
_chem_comp_bond.value_order 
_chem_comp_bond.pdbx_aromatic_flag 
_chem_comp_bond.pdbx_stereo_config 
_chem_comp_bond.pdbx_ordinal 
DC  OP3   P      sing N N 1   
DC  OP3   HOP3   sing N N 2   
DC  P     OP1    doub N N 3   
DC  P     OP2    sing N N 4   
DC  P     "O5'"  sing N N 5   
DC  OP2   HOP2   sing N N 6   
DC  "O5'" "C5'"  sing N N 7   
DC  "C5'" "C4'"  sing N N 8   
DC  "C5'" "H5'"  sing N N 9   
DC  "C5'" "H5''" sing N N 10  
DC  "C4'" "O4'"  sing N N 11  
DC  "C4'" "C3'"  sing N N 12  
DC  "C4'" "H4'"  sing N N 13  
DC  "O4'" "C1'"  sing N N 14  
DC  "C3'" "O3'"  sing N N 15  
DC  "C3'" "C2'"  sing N N 16  
DC  "C3'" "H3'"  sing N N 17  
DC  "O3'" "HO3'" sing N N 18  
DC  "C2'" "C1'"  sing N N 19  
DC  "C2'" "H2'"  sing N N 20  
DC  "C2'" "H2''" sing N N 21  
DC  "C1'" N1     sing N N 22  
DC  "C1'" "H1'"  sing N N 23  
DC  N1    C2     sing N N 24  
DC  N1    C6     sing N N 25  
DC  C2    O2     doub N N 26  
DC  C2    N3     sing N N 27  
DC  N3    C4     doub N N 28  
DC  C4    N4     sing N N 29  
DC  C4    C5     sing N N 30  
DC  N4    H41    sing N N 31  
DC  N4    H42    sing N N 32  
DC  C5    C6     doub N N 33  
DC  C5    H5     sing N N 34  
DC  C6    H6     sing N N 35  
DG  OP3   P      sing N N 36  
DG  OP3   HOP3   sing N N 37  
DG  P     OP1    doub N N 38  
DG  P     OP2    sing N N 39  
DG  P     "O5'"  sing N N 40  
DG  OP2   HOP2   sing N N 41  
DG  "O5'" "C5'"  sing N N 42  
DG  "C5'" "C4'"  sing N N 43  
DG  "C5'" "H5'"  sing N N 44  
DG  "C5'" "H5''" sing N N 45  
DG  "C4'" "O4'"  sing N N 46  
DG  "C4'" "C3'"  sing N N 47  
DG  "C4'" "H4'"  sing N N 48  
DG  "O4'" "C1'"  sing N N 49  
DG  "C3'" "O3'"  sing N N 50  
DG  "C3'" "C2'"  sing N N 51  
DG  "C3'" "H3'"  sing N N 52  
DG  "O3'" "HO3'" sing N N 53  
DG  "C2'" "C1'"  sing N N 54  
DG  "C2'" "H2'"  sing N N 55  
DG  "C2'" "H2''" sing N N 56  
DG  "C1'" N9     sing N N 57  
DG  "C1'" "H1'"  sing N N 58  
DG  N9    C8     sing Y N 59  
DG  N9    C4     sing Y N 60  
DG  C8    N7     doub Y N 61  
DG  C8    H8     sing N N 62  
DG  N7    C5     sing Y N 63  
DG  C5    C6     sing N N 64  
DG  C5    C4     doub Y N 65  
DG  C6    O6     doub N N 66  
DG  C6    N1     sing N N 67  
DG  N1    C2     sing N N 68  
DG  N1    H1     sing N N 69  
DG  C2    N2     sing N N 70  
DG  C2    N3     doub N N 71  
DG  N2    H21    sing N N 72  
DG  N2    H22    sing N N 73  
DG  N3    C4     sing N N 74  
DM8 C1    C2     doub Y N 75  
DM8 C1    C15    sing Y N 76  
DM8 C1    H1     sing N N 77  
DM8 C2    C3     sing Y N 78  
DM8 C2    H2     sing N N 79  
DM8 C3    C4     doub Y N 80  
DM8 C3    H3     sing N N 81  
DM8 C4    C16    sing Y N 82  
DM8 C4    O4     sing N N 83  
DM8 C5    C16    sing N N 84  
DM8 C5    C17    sing N N 85  
DM8 C5    O5     doub N N 86  
DM8 C6    C17    doub Y N 87  
DM8 C6    C20    sing Y N 88  
DM8 C6    O6     sing N N 89  
DM8 C7    C8     sing N N 90  
DM8 C7    C20    sing N N 91  
DM8 C7    O7     sing N N 92  
DM8 C7    H7     sing N N 93  
DM8 C8    C9     sing N N 94  
DM8 C8    H81    sing N N 95  
DM8 C8    H82    sing N N 96  
DM8 C9    C10    sing N N 97  
DM8 C9    C13    sing N N 98  
DM8 C9    O9     sing N N 99  
DM8 C10   C19    sing N N 100 
DM8 C10   H101   sing N N 101 
DM8 C10   H102   sing N N 102 
DM8 C11   C18    doub Y N 103 
DM8 C11   C19    sing Y N 104 
DM8 C11   O11    sing N N 105 
DM8 C12   C15    sing N N 106 
DM8 C12   C18    sing N N 107 
DM8 C12   O12    doub N N 108 
DM8 C13   C14    sing N N 109 
DM8 C13   O13    doub N N 110 
DM8 C14   H141   sing N N 111 
DM8 C14   H142   sing N N 112 
DM8 C14   H143   sing N N 113 
DM8 C15   C16    doub Y N 114 
DM8 C17   C18    sing Y N 115 
DM8 C19   C20    doub Y N 116 
DM8 C21   O4     sing N N 117 
DM8 C21   H211   sing N N 118 
DM8 C21   H212   sing N N 119 
DM8 C21   H213   sing N N 120 
DM8 O6    H6     sing N N 121 
DM8 O7    "C1'"  sing N N 122 
DM8 O9    H9     sing N N 123 
DM8 O11   H11    sing N N 124 
DM8 "C1'" "C2'"  sing N N 125 
DM8 "C1'" "O5'"  sing N N 126 
DM8 "C1'" "H1'"  sing N N 127 
DM8 "C2'" "C3'"  sing N N 128 
DM8 "C2'" BR     sing N N 129 
DM8 "C2'" "H2'"  sing N N 130 
DM8 "C3'" "C4'"  sing N N 131 
DM8 "C3'" "N3'"  sing N N 132 
DM8 "C3'" "H3'"  sing N N 133 
DM8 "C4'" "C5'"  sing N N 134 
DM8 "C4'" "O4'"  sing N N 135 
DM8 "C4'" "H4'"  sing N N 136 
DM8 "C5'" "C6'"  sing N N 137 
DM8 "C5'" "O5'"  sing N N 138 
DM8 "C5'" "H5'"  sing N N 139 
DM8 "C6'" "H6'1" sing N N 140 
DM8 "C6'" "H6'2" sing N N 141 
DM8 "C6'" "H6'3" sing N N 142 
DM8 "O4'" "HO4'" sing N N 143 
DM8 "N3'" "HN'1" sing N N 144 
DM8 "N3'" "HN'2" sing N N 145 
G49 P     O1P    doub N N 146 
G49 P     O2P    sing N N 147 
G49 P     O3P    sing N N 148 
G49 P     "O5'"  sing N N 149 
G49 O2P   H2P    sing N N 150 
G49 O3P   H3P    sing N N 151 
G49 "O5'" "C5'"  sing N N 152 
G49 "C5'" "C4'"  sing N N 153 
G49 "C5'" "H5'1" sing N N 154 
G49 "C5'" "H5'2" sing N N 155 
G49 "C4'" "O4'"  sing N N 156 
G49 "C4'" "C3'"  sing N N 157 
G49 "C4'" "H4'"  sing N N 158 
G49 "O4'" "C1'"  sing N N 159 
G49 "C3'" "O3'"  sing N N 160 
G49 "C3'" "C2'"  sing N N 161 
G49 "C3'" "H3'"  sing N N 162 
G49 "O3'" HA     sing N N 163 
G49 "C2'" "C1'"  sing N N 164 
G49 "C2'" "H2'1" sing N N 165 
G49 "C2'" "H2'2" sing N N 166 
G49 "C1'" N9     sing N N 167 
G49 "C1'" "H1'"  sing N N 168 
G49 N9    C8     sing Y N 169 
G49 N9    C4     sing Y N 170 
G49 C8    N7     doub Y N 171 
G49 C8    H8     sing N N 172 
G49 N7    C5     sing Y N 173 
G49 C5    C6     sing N N 174 
G49 C5    C4     doub Y N 175 
G49 C6    O6     doub N N 176 
G49 C6    N1     sing N N 177 
G49 N1    C2     sing N N 178 
G49 N1    H1     sing N N 179 
G49 C2    N2     sing N N 180 
G49 C2    N3     doub N N 181 
G49 N2    CM2    sing N N 182 
G49 N2    H2     sing N N 183 
G49 CM2   HM21   sing N N 184 
G49 CM2   HM22   sing N N 185 
G49 CM2   HM23   sing N N 186 
G49 N3    C4     sing N N 187 
HOH O     H1     sing N N 188 
HOH O     H2     sing N N 189 
# 
_ndb_struct_conf_na.entry_id   278D 
_ndb_struct_conf_na.feature    'b-form double helix' 
# 
loop_
_ndb_struct_na_base_pair.model_number 
_ndb_struct_na_base_pair.i_label_asym_id 
_ndb_struct_na_base_pair.i_label_comp_id 
_ndb_struct_na_base_pair.i_label_seq_id 
_ndb_struct_na_base_pair.i_symmetry 
_ndb_struct_na_base_pair.j_label_asym_id 
_ndb_struct_na_base_pair.j_label_comp_id 
_ndb_struct_na_base_pair.j_label_seq_id 
_ndb_struct_na_base_pair.j_symmetry 
_ndb_struct_na_base_pair.shear 
_ndb_struct_na_base_pair.stretch 
_ndb_struct_na_base_pair.stagger 
_ndb_struct_na_base_pair.buckle 
_ndb_struct_na_base_pair.propeller 
_ndb_struct_na_base_pair.opening 
_ndb_struct_na_base_pair.pair_number 
_ndb_struct_na_base_pair.pair_name 
_ndb_struct_na_base_pair.i_auth_asym_id 
_ndb_struct_na_base_pair.i_auth_seq_id 
_ndb_struct_na_base_pair.i_PDB_ins_code 
_ndb_struct_na_base_pair.j_auth_asym_id 
_ndb_struct_na_base_pair.j_auth_seq_id 
_ndb_struct_na_base_pair.j_PDB_ins_code 
_ndb_struct_na_base_pair.hbond_type_28 
_ndb_struct_na_base_pair.hbond_type_12 
1 A DC  1 1_555 A DG  6 8_665 0.146  -0.187 0.275 8.221   2.878  -3.049 1 A_DC1:DG6_A  A 1 ? A 6 ? 19 1 
1 A DG  2 1_555 A DC  5 8_665 -0.138 -0.173 0.343 -14.259 1.711  -0.691 2 A_DG2:DC5_A  A 2 ? A 5 ? 19 1 
1 A G49 3 1_555 A DC  4 8_665 -0.140 -0.207 0.519 -6.746  -7.872 1.506  3 A_G493:DC4_A A 3 ? A 4 ? 19 1 
1 A DC  4 1_555 A G49 3 8_665 0.140  -0.207 0.519 6.746   -7.872 1.506  4 A_DC4:G493_A A 4 ? A 3 ? 19 1 
1 A DC  5 1_555 A DG  2 8_665 0.138  -0.173 0.343 14.259  1.711  -0.691 5 A_DC5:DG2_A  A 5 ? A 2 ? 19 1 
1 A DG  6 1_555 A DC  1 8_665 -0.146 -0.187 0.275 -8.221  2.878  -3.049 6 A_DG6:DC1_A  A 6 ? A 1 ? 19 1 
# 
loop_
_ndb_struct_na_base_pair_step.model_number 
_ndb_struct_na_base_pair_step.i_label_asym_id_1 
_ndb_struct_na_base_pair_step.i_label_comp_id_1 
_ndb_struct_na_base_pair_step.i_label_seq_id_1 
_ndb_struct_na_base_pair_step.i_symmetry_1 
_ndb_struct_na_base_pair_step.j_label_asym_id_1 
_ndb_struct_na_base_pair_step.j_label_comp_id_1 
_ndb_struct_na_base_pair_step.j_label_seq_id_1 
_ndb_struct_na_base_pair_step.j_symmetry_1 
_ndb_struct_na_base_pair_step.i_label_asym_id_2 
_ndb_struct_na_base_pair_step.i_label_comp_id_2 
_ndb_struct_na_base_pair_step.i_label_seq_id_2 
_ndb_struct_na_base_pair_step.i_symmetry_2 
_ndb_struct_na_base_pair_step.j_label_asym_id_2 
_ndb_struct_na_base_pair_step.j_label_comp_id_2 
_ndb_struct_na_base_pair_step.j_label_seq_id_2 
_ndb_struct_na_base_pair_step.j_symmetry_2 
_ndb_struct_na_base_pair_step.shift 
_ndb_struct_na_base_pair_step.slide 
_ndb_struct_na_base_pair_step.rise 
_ndb_struct_na_base_pair_step.tilt 
_ndb_struct_na_base_pair_step.roll 
_ndb_struct_na_base_pair_step.twist 
_ndb_struct_na_base_pair_step.x_displacement 
_ndb_struct_na_base_pair_step.y_displacement 
_ndb_struct_na_base_pair_step.helical_rise 
_ndb_struct_na_base_pair_step.inclination 
_ndb_struct_na_base_pair_step.tip 
_ndb_struct_na_base_pair_step.helical_twist 
_ndb_struct_na_base_pair_step.step_number 
_ndb_struct_na_base_pair_step.step_name 
_ndb_struct_na_base_pair_step.i_auth_asym_id_1 
_ndb_struct_na_base_pair_step.i_auth_seq_id_1 
_ndb_struct_na_base_pair_step.i_PDB_ins_code_1 
_ndb_struct_na_base_pair_step.j_auth_asym_id_1 
_ndb_struct_na_base_pair_step.j_auth_seq_id_1 
_ndb_struct_na_base_pair_step.j_PDB_ins_code_1 
_ndb_struct_na_base_pair_step.i_auth_asym_id_2 
_ndb_struct_na_base_pair_step.i_auth_seq_id_2 
_ndb_struct_na_base_pair_step.i_PDB_ins_code_2 
_ndb_struct_na_base_pair_step.j_auth_asym_id_2 
_ndb_struct_na_base_pair_step.j_auth_seq_id_2 
_ndb_struct_na_base_pair_step.j_PDB_ins_code_2 
1 A DC  1 1_555 A DG  6 8_665 A DG  2 1_555 A DC  5 8_665 1.310  0.964  6.976 -0.453 -2.218 33.649 2.426  -2.415 6.882 -3.826 
0.781  33.723 1 AA_DC1DG2:DC5DG6_AA   A 1 ? A 6 ? A 2 ? A 5 ? 
1 A DG  2 1_555 A DC  5 8_665 A G49 3 1_555 A DC  4 8_665 -1.409 0.729  3.203 -3.873 2.892  31.158 0.796  1.861  3.401 5.343  
7.156  31.522 2 AA_DG2G493:DC4DC5_AA  A 2 ? A 5 ? A 3 ? A 4 ? 
1 A G49 3 1_555 A DC  4 8_665 A DC  4 1_555 A G49 3 8_665 0.000  -0.315 3.068 0.000  -0.205 32.351 -0.531 0.000  3.069 -0.367 
0.000  32.352 3 AA_G493DC4:G493DC4_AA A 3 ? A 4 ? A 4 ? A 3 ? 
1 A DC  4 1_555 A G49 3 8_665 A DC  5 1_555 A DG  2 8_665 1.409  0.729  3.203 3.873  2.892  31.158 0.796  -1.861 3.401 5.343  
-7.156 31.522 4 AA_DC4DC5:DG2G493_AA  A 4 ? A 3 ? A 5 ? A 2 ? 
1 A DC  5 1_555 A DG  2 8_665 A DG  6 1_555 A DC  1 8_665 -1.310 0.964  6.976 0.453  -2.218 33.649 2.426  2.415  6.882 -3.826 
-0.781 33.723 5 AA_DC5DG6:DC1DG2_AA   A 5 ? A 2 ? A 6 ? A 1 ? 
# 
_atom_sites.entry_id                    278D 
_atom_sites.fract_transf_matrix[1][1]   -0.03159975 
_atom_sites.fract_transf_matrix[1][2]   0.00272906 
_atom_sites.fract_transf_matrix[1][3]   0.01571707 
_atom_sites.fract_transf_matrix[2][1]   0.01290893 
_atom_sites.fract_transf_matrix[2][2]   0.02486444 
_atom_sites.fract_transf_matrix[2][3]   0.02163649 
_atom_sites.fract_transf_matrix[3][1]   -0.00493300 
_atom_sites.fract_transf_matrix[3][2]   0.01318344 
_atom_sites.fract_transf_matrix[3][3]   -0.01220712 
_atom_sites.fract_transf_vector[1]      0.573571 
_atom_sites.fract_transf_vector[2]      0.527640 
_atom_sites.fract_transf_vector[3]      0.208225 
# 
loop_
_atom_type.symbol 
BR 
C  
N  
O  
P  
# 
loop_
_atom_site.group_PDB 
_atom_site.id 
_atom_site.type_symbol 
_atom_site.label_atom_id 
_atom_site.label_alt_id 
_atom_site.label_comp_id 
_atom_site.label_asym_id 
_atom_site.label_entity_id 
_atom_site.label_seq_id 
_atom_site.pdbx_PDB_ins_code 
_atom_site.Cartn_x 
_atom_site.Cartn_y 
_atom_site.Cartn_z 
_atom_site.occupancy 
_atom_site.B_iso_or_equiv 
_atom_site.pdbx_formal_charge 
_atom_site.auth_seq_id 
_atom_site.auth_comp_id 
_atom_site.auth_asym_id 
_atom_site.auth_atom_id 
_atom_site.pdbx_PDB_model_num 
ATOM   1   O  "O5'" . DC  A 1 1 ? 5.018  11.227  -7.284  1.00 18.91 ? 1  DC  A "O5'" 1 
ATOM   2   C  "C5'" . DC  A 1 1 ? 4.770  12.657  -7.351  1.00 17.71 ? 1  DC  A "C5'" 1 
ATOM   3   C  "C4'" . DC  A 1 1 ? 3.386  12.902  -6.848  1.00 17.43 ? 1  DC  A "C4'" 1 
ATOM   4   O  "O4'" . DC  A 1 1 ? 2.472  12.756  -7.923  1.00 16.76 ? 1  DC  A "O4'" 1 
ATOM   5   C  "C3'" . DC  A 1 1 ? 2.841  11.998  -5.747  1.00 17.37 ? 1  DC  A "C3'" 1 
ATOM   6   O  "O3'" . DC  A 1 1 ? 1.991  12.790  -4.894  1.00 18.18 ? 1  DC  A "O3'" 1 
ATOM   7   C  "C2'" . DC  A 1 1 ? 2.059  10.938  -6.511  1.00 16.86 ? 1  DC  A "C2'" 1 
ATOM   8   C  "C1'" . DC  A 1 1 ? 1.473  11.793  -7.666  1.00 16.08 ? 1  DC  A "C1'" 1 
ATOM   9   N  N1    . DC  A 1 1 ? 1.264  10.925  -8.818  1.00 15.02 ? 1  DC  A N1    1 
ATOM   10  C  C2    . DC  A 1 1 ? -0.024 10.460  -9.096  1.00 14.41 ? 1  DC  A C2    1 
ATOM   11  O  O2    . DC  A 1 1 ? -0.943 10.829  -8.399  1.00 14.23 ? 1  DC  A O2    1 
ATOM   12  N  N3    . DC  A 1 1 ? -0.141 9.596   -10.135 1.00 13.79 ? 1  DC  A N3    1 
ATOM   13  C  C4    . DC  A 1 1 ? 0.859  9.226   -10.922 1.00 13.80 ? 1  DC  A C4    1 
ATOM   14  N  N4    . DC  A 1 1 ? 0.711  8.370   -11.924 1.00 13.61 ? 1  DC  A N4    1 
ATOM   15  C  C5    . DC  A 1 1 ? 2.187  9.712   -10.646 1.00 14.00 ? 1  DC  A C5    1 
ATOM   16  C  C6    . DC  A 1 1 ? 2.313  10.518  -9.592  1.00 14.52 ? 1  DC  A C6    1 
ATOM   17  P  P     . DG  A 1 2 ? 2.154  12.869  -3.307  1.00 21.92 ? 2  DG  A P     1 
ATOM   18  O  OP1   . DG  A 1 2 ? 1.237  13.925  -2.906  1.00 21.47 ? 2  DG  A OP1   1 
ATOM   19  O  OP2   . DG  A 1 2 ? 3.599  12.837  -3.018  1.00 21.67 ? 2  DG  A OP2   1 
ATOM   20  O  "O5'" . DG  A 1 2 ? 1.498  11.439  -2.922  1.00 19.03 ? 2  DG  A "O5'" 1 
ATOM   21  C  "C5'" . DG  A 1 2 ? 0.021  11.350  -2.881  1.00 18.03 ? 2  DG  A "C5'" 1 
ATOM   22  C  "C4'" . DG  A 1 2 ? -0.268 9.925   -2.406  1.00 17.66 ? 2  DG  A "C4'" 1 
ATOM   23  O  "O4'" . DG  A 1 2 ? 0.000  9.030   -3.455  1.00 17.13 ? 2  DG  A "O4'" 1 
ATOM   24  C  "C3'" . DG  A 1 2 ? 0.570  9.457   -1.224  1.00 17.58 ? 2  DG  A "C3'" 1 
ATOM   25  O  "O3'" . DG  A 1 2 ? -0.178 8.720   -0.261  1.00 18.48 ? 2  DG  A "O3'" 1 
ATOM   26  C  "C2'" . DG  A 1 2 ? 1.619  8.535   -1.871  1.00 17.15 ? 2  DG  A "C2'" 1 
ATOM   27  C  "C1'" . DG  A 1 2 ? 0.705  7.905   -2.898  1.00 16.33 ? 2  DG  A "C1'" 1 
ATOM   28  N  N9    . DG  A 1 2 ? 1.497  7.163   -3.867  1.00 15.41 ? 2  DG  A N9    1 
ATOM   29  C  C8    . DG  A 1 2 ? 2.810  7.276   -4.212  1.00 15.10 ? 2  DG  A C8    1 
ATOM   30  N  N7    . DG  A 1 2 ? 3.200  6.404   -5.109  1.00 14.70 ? 2  DG  A N7    1 
ATOM   31  C  C5    . DG  A 1 2 ? 2.048  5.646   -5.359  1.00 14.38 ? 2  DG  A C5    1 
ATOM   32  C  C6    . DG  A 1 2 ? 1.791  4.558   -6.220  1.00 14.21 ? 2  DG  A C6    1 
ATOM   33  O  O6    . DG  A 1 2 ? 2.633  4.059   -6.979  1.00 14.19 ? 2  DG  A O6    1 
ATOM   34  N  N1    . DG  A 1 2 ? 0.509  4.101   -6.187  1.00 13.69 ? 2  DG  A N1    1 
ATOM   35  C  C2    . DG  A 1 2 ? -0.455 4.643   -5.389  1.00 13.67 ? 2  DG  A C2    1 
ATOM   36  N  N2    . DG  A 1 2 ? -1.680 4.103   -5.429  1.00 13.26 ? 2  DG  A N2    1 
ATOM   37  N  N3    . DG  A 1 2 ? -0.300 5.664   -4.575  1.00 14.00 ? 2  DG  A N3    1 
ATOM   38  C  C4    . DG  A 1 2 ? 0.990  6.115   -4.616  1.00 14.68 ? 2  DG  A C4    1 
HETATM 39  P  P     . G49 A 1 3 ? -0.503 9.077   1.259   1.00 22.12 ? 3  G49 A P     1 
HETATM 40  O  O1P   . G49 A 1 3 ? -0.677 10.559  1.356   1.00 23.68 ? 3  G49 A O1P   1 
HETATM 41  O  O2P   . G49 A 1 3 ? 0.634  8.474   1.990   1.00 22.89 ? 3  G49 A O2P   1 
HETATM 42  O  "O5'" . G49 A 1 3 ? -1.911 8.308   1.626   1.00 17.48 ? 3  G49 A "O5'" 1 
HETATM 43  C  "C5'" . G49 A 1 3 ? -3.175 8.544   1.016   1.00 16.32 ? 3  G49 A "C5'" 1 
HETATM 44  C  "C4'" . G49 A 1 3 ? -3.719 7.179   0.645   1.00 16.18 ? 3  G49 A "C4'" 1 
HETATM 45  O  "O4'" . G49 A 1 3 ? -2.975 6.546   -0.371  1.00 15.94 ? 3  G49 A "O4'" 1 
HETATM 46  C  "C3'" . G49 A 1 3 ? -3.734 6.204   1.826   1.00 16.03 ? 3  G49 A "C3'" 1 
HETATM 47  O  "O3'" . G49 A 1 3 ? -5.070 5.758   2.021   1.00 16.26 ? 3  G49 A "O3'" 1 
HETATM 48  C  "C2'" . G49 A 1 3 ? -2.750 5.097   1.439   1.00 15.75 ? 3  G49 A "C2'" 1 
HETATM 49  C  "C1'" . G49 A 1 3 ? -2.815 5.124   -0.065  1.00 15.14 ? 3  G49 A "C1'" 1 
HETATM 50  N  N9    . G49 A 1 3 ? -1.564 4.692   -0.675  1.00 14.55 ? 3  G49 A N9    1 
HETATM 51  C  C8    . G49 A 1 3 ? -0.330 5.294   -0.459  1.00 14.27 ? 3  G49 A C8    1 
HETATM 52  N  N7    . G49 A 1 3 ? 0.646  4.739   -1.123  1.00 13.83 ? 3  G49 A N7    1 
HETATM 53  C  C5    . G49 A 1 3 ? 0.006  3.737   -1.851  1.00 13.87 ? 3  G49 A C5    1 
HETATM 54  C  C6    . G49 A 1 3 ? 0.544  2.809   -2.782  1.00 13.83 ? 3  G49 A C6    1 
HETATM 55  O  O6    . G49 A 1 3 ? 1.739  2.722   -3.150  1.00 13.83 ? 3  G49 A O6    1 
HETATM 56  N  N1    . G49 A 1 3 ? -0.386 1.971   -3.311  1.00 13.69 ? 3  G49 A N1    1 
HETATM 57  C  C2    . G49 A 1 3 ? -1.684 1.987   -2.970  1.00 13.71 ? 3  G49 A C2    1 
HETATM 58  N  N2    . G49 A 1 3 ? -2.464 1.079   -3.579  1.00 14.19 ? 3  G49 A N2    1 
HETATM 59  C  CM2   . G49 A 1 3 ? -3.829 1.152   -3.101  1.00 14.45 ? 3  G49 A CM2   1 
HETATM 60  N  N3    . G49 A 1 3 ? -2.276 2.852   -2.118  1.00 14.07 ? 3  G49 A N3    1 
HETATM 61  C  C4    . G49 A 1 3 ? -1.338 3.698   -1.599  1.00 13.96 ? 3  G49 A C4    1 
ATOM   62  P  P     . DC  A 1 4 ? -5.532 4.765   3.161   1.00 18.51 ? 4  DC  A P     1 
ATOM   63  O  OP1   . DC  A 1 4 ? -6.983 5.135   3.278   1.00 18.96 ? 4  DC  A OP1   1 
ATOM   64  O  OP2   . DC  A 1 4 ? -4.566 5.004   4.242   1.00 19.90 ? 4  DC  A OP2   1 
ATOM   65  O  "O5'" . DC  A 1 4 ? -5.419 3.289   2.582   1.00 16.24 ? 4  DC  A "O5'" 1 
ATOM   66  C  "C5'" . DC  A 1 4 ? -6.220 2.881   1.476   1.00 15.64 ? 4  DC  A "C5'" 1 
ATOM   67  C  "C4'" . DC  A 1 4 ? -5.737 1.516   1.093   1.00 15.69 ? 4  DC  A "C4'" 1 
ATOM   68  O  "O4'" . DC  A 1 4 ? -4.432 1.563   0.560   1.00 15.22 ? 4  DC  A "O4'" 1 
ATOM   69  C  "C3'" . DC  A 1 4 ? -5.656 0.516   2.263   1.00 15.84 ? 4  DC  A "C3'" 1 
ATOM   70  O  "O3'" . DC  A 1 4 ? -6.572 -0.565  1.996   1.00 16.87 ? 4  DC  A "O3'" 1 
ATOM   71  C  "C2'" . DC  A 1 4 ? -4.201 0.086   2.305   1.00 15.51 ? 4  DC  A "C2'" 1 
ATOM   72  C  "C1'" . DC  A 1 4 ? -3.765 0.320   0.902   1.00 14.66 ? 4  DC  A "C1'" 1 
ATOM   73  N  N1    . DC  A 1 4 ? -2.344 0.605   0.795   1.00 14.11 ? 4  DC  A N1    1 
ATOM   74  C  C2    . DC  A 1 4 ? -1.672 -0.063  -0.205  1.00 13.66 ? 4  DC  A C2    1 
ATOM   75  O  O2    . DC  A 1 4 ? -2.251 -0.875  -0.929  1.00 13.77 ? 4  DC  A O2    1 
ATOM   76  N  N3    . DC  A 1 4 ? -0.353 0.215   -0.325  1.00 13.55 ? 4  DC  A N3    1 
ATOM   77  C  C4    . DC  A 1 4 ? 0.277  1.119   0.461   1.00 13.29 ? 4  DC  A C4    1 
ATOM   78  N  N4    . DC  A 1 4 ? 1.565  1.312   0.238   1.00 13.39 ? 4  DC  A N4    1 
ATOM   79  C  C5    . DC  A 1 4 ? -0.425 1.785   1.496   1.00 13.44 ? 4  DC  A C5    1 
ATOM   80  C  C6    . DC  A 1 4 ? -1.728 1.505   1.624   1.00 13.71 ? 4  DC  A C6    1 
ATOM   81  P  P     . DC  A 1 5 ? -7.213 -1.406  3.253   1.00 21.06 ? 5  DC  A P     1 
ATOM   82  O  OP1   . DC  A 1 5 ? -8.458 -1.903  2.680   1.00 21.58 ? 5  DC  A OP1   1 
ATOM   83  O  OP2   . DC  A 1 5 ? -6.892 -0.646  4.515   1.00 21.75 ? 5  DC  A OP2   1 
ATOM   84  O  "O5'" . DC  A 1 5 ? -6.113 -2.605  3.281   1.00 17.77 ? 5  DC  A "O5'" 1 
ATOM   85  C  "C5'" . DC  A 1 5 ? -6.120 -3.573  2.224   1.00 17.07 ? 5  DC  A "C5'" 1 
ATOM   86  C  "C4'" . DC  A 1 5 ? -4.816 -4.324  2.389   1.00 16.80 ? 5  DC  A "C4'" 1 
ATOM   87  O  "O4'" . DC  A 1 5 ? -3.755 -3.413  2.035   1.00 16.35 ? 5  DC  A "O4'" 1 
ATOM   88  C  "C3'" . DC  A 1 5 ? -4.523 -4.864  3.777   1.00 16.70 ? 5  DC  A "C3'" 1 
ATOM   89  O  "O3'" . DC  A 1 5 ? -4.015 -6.197  3.707   1.00 17.70 ? 5  DC  A "O3'" 1 
ATOM   90  C  "C2'" . DC  A 1 5 ? -3.459 -3.904  4.312   1.00 16.38 ? 5  DC  A "C2'" 1 
ATOM   91  C  "C1'" . DC  A 1 5 ? -2.727 -3.619  2.966   1.00 15.69 ? 5  DC  A "C1'" 1 
ATOM   92  N  N1    . DC  A 1 5 ? -1.757 -2.539  3.152   1.00 15.13 ? 5  DC  A N1    1 
ATOM   93  C  C2    . DC  A 1 5 ? -0.662 -2.633  2.279   1.00 14.74 ? 5  DC  A C2    1 
ATOM   94  O  O2    . DC  A 1 5 ? -0.689 -3.490  1.380   1.00 14.37 ? 5  DC  A O2    1 
ATOM   95  N  N3    . DC  A 1 5 ? 0.357  -1.760  2.488   1.00 14.58 ? 5  DC  A N3    1 
ATOM   96  C  C4    . DC  A 1 5 ? 0.298  -0.825  3.473   1.00 14.51 ? 5  DC  A C4    1 
ATOM   97  N  N4    . DC  A 1 5 ? 1.339  0.022   3.639   1.00 14.40 ? 5  DC  A N4    1 
ATOM   98  C  C5    . DC  A 1 5 ? -0.828 -0.726  4.317   1.00 14.54 ? 5  DC  A C5    1 
ATOM   99  C  C6    . DC  A 1 5 ? -1.822 -1.599  4.130   1.00 14.82 ? 5  DC  A C6    1 
ATOM   100 P  P     . DG  A 1 6 ? -4.813 -7.618  3.958   1.00 21.37 ? 6  DG  A P     1 
ATOM   101 O  OP1   . DG  A 1 6 ? -6.030 -7.550  3.077   1.00 24.25 ? 6  DG  A OP1   1 
ATOM   102 O  OP2   . DG  A 1 6 ? -4.884 -7.552  5.432   1.00 20.89 ? 6  DG  A OP2   1 
ATOM   103 O  "O5'" . DG  A 1 6 ? -3.826 -8.713  3.366   1.00 17.86 ? 6  DG  A "O5'" 1 
ATOM   104 C  "C5'" . DG  A 1 6 ? -3.484 -8.944  2.014   1.00 16.65 ? 6  DG  A "C5'" 1 
ATOM   105 C  "C4'" . DG  A 1 6 ? -2.519 -10.097 1.922   1.00 16.30 ? 6  DG  A "C4'" 1 
ATOM   106 O  "O4'" . DG  A 1 6 ? -1.238 -9.724  2.402   1.00 16.21 ? 6  DG  A "O4'" 1 
ATOM   107 C  "C3'" . DG  A 1 6 ? -2.878 -11.344 2.738   1.00 16.06 ? 6  DG  A "C3'" 1 
ATOM   108 O  "O3'" . DG  A 1 6 ? -2.434 -12.466 1.982   1.00 16.59 ? 6  DG  A "O3'" 1 
ATOM   109 C  "C2'" . DG  A 1 6 ? -2.163 -11.092 4.063   1.00 15.54 ? 6  DG  A "C2'" 1 
ATOM   110 C  "C1'" . DG  A 1 6 ? -0.873 -10.465 3.633   1.00 14.80 ? 6  DG  A "C1'" 1 
ATOM   111 N  N9    . DG  A 1 6 ? -0.296 -9.487  4.553   1.00 13.80 ? 6  DG  A N9    1 
ATOM   112 C  C8    . DG  A 1 6 ? -0.942 -8.748  5.507   1.00 13.52 ? 6  DG  A C8    1 
ATOM   113 N  N7    . DG  A 1 6 ? -0.166 -7.910  6.130   1.00 13.37 ? 6  DG  A N7    1 
ATOM   114 C  C5    . DG  A 1 6 ? 1.051  -8.053  5.516   1.00 13.03 ? 6  DG  A C5    1 
ATOM   115 C  C6    . DG  A 1 6 ? 2.294  -7.370  5.728   1.00 12.93 ? 6  DG  A C6    1 
ATOM   116 O  O6    . DG  A 1 6 ? 2.473  -6.487  6.560   1.00 12.86 ? 6  DG  A O6    1 
ATOM   117 N  N1    . DG  A 1 6 ? 3.310  -7.796  4.913   1.00 12.70 ? 6  DG  A N1    1 
ATOM   118 C  C2    . DG  A 1 6 ? 3.146  -8.779  3.983   1.00 12.53 ? 6  DG  A C2    1 
ATOM   119 N  N2    . DG  A 1 6 ? 4.214  -9.088  3.266   1.00 12.15 ? 6  DG  A N2    1 
ATOM   120 N  N3    . DG  A 1 6 ? 1.999  -9.447  3.748   1.00 12.62 ? 6  DG  A N3    1 
ATOM   121 C  C4    . DG  A 1 6 ? 1.004  -9.017  4.541   1.00 13.25 ? 6  DG  A C4    1 
HETATM 122 C  C1    . DM8 B 2 . ? 3.387  -1.836  6.013   1.00 14.07 ? 7  DM8 A C1    1 
HETATM 123 C  C2    . DM8 B 2 . ? 2.653  -1.226  7.025   1.00 14.27 ? 7  DM8 A C2    1 
HETATM 124 C  C3    . DM8 B 2 . ? 1.252  -1.621  7.293   1.00 14.24 ? 7  DM8 A C3    1 
HETATM 125 C  C4    . DM8 B 2 . ? 0.688  -2.678  6.436   1.00 14.15 ? 7  DM8 A C4    1 
HETATM 126 C  C5    . DM8 B 2 . ? 1.012  -4.372  4.596   1.00 13.65 ? 7  DM8 A C5    1 
HETATM 127 C  C6    . DM8 B 2 . ? 1.394  -5.963  2.716   1.00 13.46 ? 7  DM8 A C6    1 
HETATM 128 C  C7    . DM8 B 2 . ? 1.760  -7.575  0.810   1.00 14.27 ? 7  DM8 A C7    1 
HETATM 129 C  C8    . DM8 B 2 . ? 2.755  -8.149  -0.131  1.00 14.27 ? 7  DM8 A C8    1 
HETATM 130 C  C9    . DM8 B 2 . ? 3.848  -7.249  -0.607  1.00 14.26 ? 7  DM8 A C9    1 
HETATM 131 C  C10   . DM8 B 2 . ? 4.602  -6.603  0.623   1.00 13.96 ? 7  DM8 A C10   1 
HETATM 132 C  C11   . DM8 B 2 . ? 4.091  -5.065  2.441   1.00 13.54 ? 7  DM8 A C11   1 
HETATM 133 C  C12   . DM8 B 2 . ? 3.774  -3.412  4.283   1.00 13.64 ? 7  DM8 A C12   1 
HETATM 134 C  C13   . DM8 B 2 . ? 4.870  -8.051  -1.403  1.00 14.70 ? 7  DM8 A C13   1 
HETATM 135 C  C14   . DM8 B 2 . ? 4.625  -8.145  -2.675  1.00 15.03 ? 7  DM8 A C14   1 
HETATM 136 C  C15   . DM8 B 2 . ? 2.836  -2.870  5.256   1.00 13.81 ? 7  DM8 A C15   1 
HETATM 137 C  C16   . DM8 B 2 . ? 1.539  -3.278  5.459   1.00 13.96 ? 7  DM8 A C16   1 
HETATM 138 C  C17   . DM8 B 2 . ? 1.884  -4.939  3.535   1.00 13.49 ? 7  DM8 A C17   1 
HETATM 139 C  C18   . DM8 B 2 . ? 3.292  -4.443  3.404   1.00 13.53 ? 7  DM8 A C18   1 
HETATM 140 C  C19   . DM8 B 2 . ? 3.656  -6.102  1.587   1.00 13.53 ? 7  DM8 A C19   1 
HETATM 141 C  C20   . DM8 B 2 . ? 2.326  -6.480  1.764   1.00 13.79 ? 7  DM8 A C20   1 
HETATM 142 C  C21   . DM8 B 2 . ? -1.523 -2.596  7.514   1.00 14.95 ? 7  DM8 A C21   1 
HETATM 143 O  O4    . DM8 B 2 . ? -0.559 -3.059  6.593   1.00 14.57 ? 7  DM8 A O4    1 
HETATM 144 O  O5    . DM8 B 2 . ? -0.149 -4.835  4.678   1.00 13.84 ? 7  DM8 A O5    1 
HETATM 145 O  O6    . DM8 B 2 . ? 0.147  -6.439  2.753   1.00 13.49 ? 7  DM8 A O6    1 
HETATM 146 O  O7    . DM8 B 2 . ? 0.752  -6.758  0.075   1.00 15.00 ? 7  DM8 A O7    1 
HETATM 147 O  O9    . DM8 B 2 . ? 3.384  -6.193  -1.489  1.00 14.46 ? 7  DM8 A O9    1 
HETATM 148 O  O11   . DM8 B 2 . ? 5.382  -4.570  2.368   1.00 13.36 ? 7  DM8 A O11   1 
HETATM 149 O  O12   . DM8 B 2 . ? 4.921  -2.935  4.254   1.00 13.71 ? 7  DM8 A O12   1 
HETATM 150 O  O13   . DM8 B 2 . ? 6.116  -8.753  -0.985  1.00 15.79 ? 7  DM8 A O13   1 
HETATM 151 C  "C1'" . DM8 B 2 . ? -0.482 -7.356  -0.299  1.00 16.08 ? 7  DM8 A "C1'" 1 
HETATM 152 C  "C2'" . DM8 B 2 . ? -1.470 -6.219  -0.721  1.00 16.18 ? 7  DM8 A "C2'" 1 
HETATM 153 C  "C3'" . DM8 B 2 . ? -1.074 -5.607  -2.029  1.00 16.07 ? 7  DM8 A "C3'" 1 
HETATM 154 C  "C4'" . DM8 B 2 . ? -0.857 -6.670  -3.169  1.00 16.02 ? 7  DM8 A "C4'" 1 
HETATM 155 C  "C5'" . DM8 B 2 . ? 0.310  -7.619  -2.687  1.00 16.06 ? 7  DM8 A "C5'" 1 
HETATM 156 C  "C6'" . DM8 B 2 . ? 0.561  -8.736  -3.721  1.00 16.22 ? 7  DM8 A "C6'" 1 
HETATM 157 O  "O5'" . DM8 B 2 . ? -0.166 -8.285  -1.430  1.00 15.88 ? 7  DM8 A "O5'" 1 
HETATM 158 O  "O4'" . DM8 B 2 . ? -0.401 -5.976  -4.378  1.00 16.02 ? 7  DM8 A "O4'" 1 
HETATM 159 N  "N3'" . DM8 B 2 . ? -2.142 -4.577  -2.567  1.00 15.52 ? 7  DM8 A "N3'" 1 
HETATM 160 BR BR    . DM8 B 2 . ? -3.193 -6.811  -0.648  1.00 18.57 ? 7  DM8 A BR    1 
HETATM 161 O  O     . HOH C 3 . ? -4.203 -5.635  -4.267  1.00 22.35 ? 8  HOH A O     1 
HETATM 162 O  O     . HOH C 3 . ? -5.717 -2.977  -2.361  1.00 55.73 ? 9  HOH A O     1 
HETATM 163 O  O     . HOH C 3 . ? -2.339 3.119   4.409   1.00 29.16 ? 10 HOH A O     1 
HETATM 164 O  O     . HOH C 3 . ? -2.406 -7.751  -6.154  1.00 33.86 ? 11 HOH A O     1 
HETATM 165 O  O     . HOH C 3 . ? -3.618 -3.061  -0.493  1.00 19.20 ? 12 HOH A O     1 
HETATM 166 O  O     . HOH C 3 . ? 6.059  14.359  -3.995  1.00 33.65 ? 13 HOH A O     1 
HETATM 167 O  O     . HOH C 3 . ? 0.499  1.886   5.894   1.00 32.82 ? 14 HOH A O     1 
HETATM 168 O  O     . HOH C 3 . ? -4.219 -1.075  5.906   1.00 33.78 ? 15 HOH A O     1 
HETATM 169 O  O     . HOH C 3 . ? 5.731  8.152   -6.738  1.00 41.10 ? 16 HOH A O     1 
HETATM 170 O  O     . HOH C 3 . ? 7.780  9.079   -6.260  1.00 47.79 ? 17 HOH A O     1 
HETATM 171 O  O     . HOH C 3 . ? 1.898  -11.430 1.631   1.00 29.52 ? 18 HOH A O     1 
HETATM 172 O  O     . HOH C 3 . ? 7.532  -9.104  1.248   1.00 22.76 ? 19 HOH A O     1 
HETATM 173 O  O     . HOH C 3 . ? -1.467 -5.907  7.710   1.00 24.49 ? 20 HOH A O     1 
HETATM 174 O  O     . HOH C 3 . ? 2.800  8.303   -13.791 1.00 40.79 ? 21 HOH A O     1 
HETATM 175 O  O     . HOH C 3 . ? -2.198 9.362   4.844   1.00 46.91 ? 22 HOH A O     1 
HETATM 176 O  O     . HOH C 3 . ? 10.934 -9.567  0.916   1.00 38.61 ? 23 HOH A O     1 
HETATM 177 O  O     . HOH C 3 . ? 0.984  -5.501  8.630   1.00 36.56 ? 24 HOH A O     1 
HETATM 178 O  O     . HOH C 3 . ? 4.479  -11.228 1.714   1.00 42.39 ? 25 HOH A O     1 
HETATM 179 O  O     . HOH C 3 . ? 3.414  5.378   -0.928  1.00 37.09 ? 26 HOH A O     1 
HETATM 180 O  O     . HOH C 3 . ? 6.843  4.905   0.747   1.00 48.09 ? 27 HOH A O     1 
HETATM 181 O  O     . HOH C 3 . ? 2.916  3.394   2.053   1.00 29.27 ? 28 HOH A O     1 
HETATM 182 O  O     . HOH C 3 . ? 1.295  6.876   4.683   1.00 52.69 ? 29 HOH A O     1 
HETATM 183 O  O     . HOH C 3 . ? -3.523 1.403   5.839   1.00 45.55 ? 30 HOH A O     1 
HETATM 184 O  O     . HOH C 3 . ? 5.236  5.343   -6.991  1.00 46.43 ? 31 HOH A O     1 
HETATM 185 O  O     . HOH C 3 . ? 4.569  10.759  -3.485  1.00 34.41 ? 32 HOH A O     1 
HETATM 186 O  O     . HOH C 3 . ? -2.780 -11.852 -4.820  1.00 52.85 ? 33 HOH A O     1 
HETATM 187 O  O     . HOH C 3 . ? 6.421  11.364  -4.291  1.00 45.97 ? 34 HOH A O     1 
HETATM 188 O  O     . HOH C 3 . ? -2.592 0.678   8.701   1.00 40.41 ? 35 HOH A O     1 
HETATM 189 O  O     . HOH C 3 . ? 6.221  6.449   -9.892  1.00 55.75 ? 36 HOH A O     1 
HETATM 190 O  O     . HOH C 3 . ? -7.394 -6.229  -0.351  1.00 46.69 ? 37 HOH A O     1 
HETATM 191 O  O     . HOH C 3 . ? 4.622  -11.963 -3.309  1.00 52.17 ? 38 HOH A O     1 
HETATM 192 O  O     . HOH C 3 . ? 0.120  -11.900 -0.819  1.00 35.22 ? 39 HOH A O     1 
HETATM 193 O  O     . HOH C 3 . ? -9.061 3.300   4.293   1.00 42.44 ? 40 HOH A O     1 
HETATM 194 O  O     . HOH C 3 . ? 12.429 -12.148 0.008   1.00 54.04 ? 41 HOH A O     1 
HETATM 195 O  O     . HOH C 3 . ? 0.043  -13.634 1.255   1.00 41.42 ? 42 HOH A O     1 
HETATM 196 O  O     . HOH C 3 . ? 5.425  2.797   -0.026  1.00 56.96 ? 43 HOH A O     1 
HETATM 197 O  O     . HOH C 3 . ? -6.726 -6.378  -3.825  1.00 44.57 ? 44 HOH A O     1 
HETATM 198 O  O     . HOH C 3 . ? 11.677 -3.846  -7.691  1.00 54.82 ? 45 HOH A O     1 
HETATM 199 O  O     . HOH C 3 . ? 3.067  2.788   5.317   1.00 50.74 ? 46 HOH A O     1 
HETATM 200 O  O     . HOH C 3 . ? 3.482  13.368  0.569   1.00 46.60 ? 47 HOH A O     1 
HETATM 201 O  O     . HOH C 3 . ? -4.393 -3.849  8.309   1.00 47.52 ? 48 HOH A O     1 
HETATM 202 O  O     . HOH C 3 . ? -9.162 -4.591  1.159   1.00 45.55 ? 49 HOH A O     1 
HETATM 203 O  O     . HOH C 3 . ? 7.835  -11.773 -1.114  1.00 51.17 ? 50 HOH A O     1 
# 
